data_5U2J
#
_entry.id   5U2J
#
_cell.length_a   32.540
_cell.length_b   69.190
_cell.length_c   69.930
_cell.angle_alpha   90.00
_cell.angle_beta   97.16
_cell.angle_gamma   90.00
#
_symmetry.space_group_name_H-M   'P 1 21 1'
#
loop_
_entity.id
_entity.type
_entity.pdbx_description
1 polymer 'Histone H3K14bu'
2 polymer 'Histone acetyltransferase KAT6B'
3 non-polymer 'ZINC ION'
4 water water
#
loop_
_entity_poly.entity_id
_entity_poly.type
_entity_poly.pdbx_seq_one_letter_code
_entity_poly.pdbx_strand_id
1 'polypeptide(L)' ARTKQTARKSTGG(BTK)AP D,C
2 'polypeptide(L)'
;MDPIPICSFCLGTKESNREKKPEELLSCADCGSSGHPSCLKFCPELTTNVKALRWQCIECKTCSACRVQGRNADNMLFCD
SCDRGFHMECCDPPLSRMPKGMWICQVCRPK
;
A,B
#
# COMPACT_ATOMS: atom_id res chain seq x y z
N ALA A 1 16.71 15.06 8.66
CA ALA A 1 15.90 14.20 7.81
C ALA A 1 16.72 13.66 6.64
N ARG A 2 16.33 12.51 6.13
CA ARG A 2 16.99 11.93 4.96
C ARG A 2 16.35 12.48 3.70
N THR A 3 17.18 12.97 2.78
CA THR A 3 16.76 13.53 1.52
C THR A 3 17.51 12.83 0.39
N LYS A 4 17.16 13.17 -0.84
CA LYS A 4 17.90 12.63 -1.98
C LYS A 4 19.37 13.03 -1.90
N GLN A 5 19.65 14.25 -1.43
CA GLN A 5 21.04 14.70 -1.29
C GLN A 5 21.77 13.87 -0.23
N THR A 6 21.17 13.72 0.96
CA THR A 6 21.87 13.00 2.02
C THR A 6 21.98 11.51 1.69
N ALA A 7 20.94 10.95 1.07
CA ALA A 7 20.98 9.52 0.73
C ALA A 7 22.08 9.21 -0.27
N ARG A 8 22.22 10.04 -1.31
CA ARG A 8 23.25 9.79 -2.31
C ARG A 8 24.65 9.96 -1.74
N LYS A 9 24.84 10.90 -0.81
CA LYS A 9 26.14 11.02 -0.17
C LYS A 9 26.44 9.82 0.71
N SER A 10 25.40 9.28 1.36
CA SER A 10 25.61 8.14 2.26
C SER A 10 25.91 6.87 1.47
N THR A 11 25.18 6.63 0.38
CA THR A 11 25.43 5.45 -0.44
C THR A 11 26.61 5.63 -1.38
N GLY A 12 26.94 6.87 -1.75
CA GLY A 12 27.88 7.10 -2.82
C GLY A 12 27.22 6.88 -4.17
N GLY A 13 28.03 7.03 -5.22
CA GLY A 13 27.52 6.88 -6.58
C GLY A 13 27.18 5.46 -6.94
N ALA A 15 27.52 2.29 -9.25
CA ALA A 15 28.68 1.77 -9.97
C ALA A 15 28.42 1.82 -11.48
N PRO A 16 29.34 2.46 -12.22
CA PRO A 16 29.26 2.55 -13.68
C PRO A 16 29.64 1.24 -14.36
N MET B 1 -10.14 -4.68 15.74
CA MET B 1 -11.16 -4.30 16.70
C MET B 1 -12.31 -5.29 16.69
N ASP B 2 -13.10 -5.29 17.77
CA ASP B 2 -14.21 -6.23 17.88
C ASP B 2 -15.26 -5.94 16.81
N PRO B 3 -15.95 -6.97 16.34
CA PRO B 3 -16.94 -6.75 15.28
C PRO B 3 -18.20 -6.12 15.83
N ILE B 4 -18.75 -5.17 15.08
CA ILE B 4 -20.04 -4.56 15.42
C ILE B 4 -21.14 -5.46 14.86
N PRO B 5 -22.03 -6.00 15.71
CA PRO B 5 -22.93 -7.07 15.24
C PRO B 5 -24.11 -6.55 14.43
N ILE B 6 -23.92 -5.41 13.76
CA ILE B 6 -24.99 -4.68 13.08
C ILE B 6 -24.48 -4.29 11.70
N CYS B 7 -25.33 -4.45 10.69
CA CYS B 7 -24.97 -4.03 9.34
C CYS B 7 -25.04 -2.51 9.21
N SER B 8 -23.94 -1.91 8.74
CA SER B 8 -23.88 -0.45 8.63
C SER B 8 -24.88 0.10 7.62
N PHE B 9 -25.43 -0.73 6.75
CA PHE B 9 -26.32 -0.25 5.70
C PHE B 9 -27.80 -0.40 6.04
N CYS B 10 -28.20 -1.54 6.61
CA CYS B 10 -29.60 -1.78 6.94
C CYS B 10 -29.86 -1.85 8.43
N LEU B 11 -28.82 -1.81 9.26
CA LEU B 11 -28.91 -1.85 10.73
C LEU B 11 -29.46 -3.17 11.26
N GLY B 12 -29.54 -4.21 10.44
CA GLY B 12 -29.95 -5.50 10.91
C GLY B 12 -28.80 -6.31 11.47
N THR B 13 -29.13 -7.27 12.33
CA THR B 13 -28.14 -8.21 12.83
C THR B 13 -27.99 -9.34 11.81
N LYS B 14 -27.20 -10.35 12.18
CA LYS B 14 -27.09 -11.54 11.34
C LYS B 14 -28.42 -12.26 11.16
N GLU B 15 -29.45 -11.92 11.94
CA GLU B 15 -30.73 -12.60 11.85
C GLU B 15 -31.74 -11.87 10.98
N SER B 16 -31.39 -10.70 10.43
CA SER B 16 -32.37 -9.93 9.66
C SER B 16 -31.63 -9.02 8.67
N ASN B 17 -31.47 -9.47 7.43
CA ASN B 17 -30.95 -8.59 6.38
C ASN B 17 -32.09 -7.71 5.87
N ARG B 18 -31.90 -7.08 4.72
CA ARG B 18 -32.95 -6.20 4.21
C ARG B 18 -34.21 -6.96 3.84
N GLU B 19 -34.11 -8.25 3.56
CA GLU B 19 -35.29 -9.06 3.30
C GLU B 19 -35.83 -9.73 4.55
N LYS B 20 -35.32 -9.38 5.73
CA LYS B 20 -35.77 -9.93 7.02
C LYS B 20 -35.38 -11.38 7.19
N LYS B 21 -34.31 -11.82 6.54
CA LYS B 21 -33.88 -13.20 6.59
C LYS B 21 -32.47 -13.27 7.18
N PRO B 22 -32.08 -14.41 7.75
CA PRO B 22 -30.74 -14.50 8.36
C PRO B 22 -29.64 -14.50 7.32
N GLU B 23 -28.58 -13.76 7.62
CA GLU B 23 -27.40 -13.70 6.76
C GLU B 23 -26.21 -13.28 7.59
N GLU B 24 -25.14 -14.07 7.54
CA GLU B 24 -23.95 -13.79 8.34
C GLU B 24 -23.31 -12.48 7.88
N LEU B 25 -22.73 -11.76 8.83
CA LEU B 25 -22.11 -10.47 8.57
C LEU B 25 -20.64 -10.62 8.20
N LEU B 26 -20.18 -9.71 7.35
CA LEU B 26 -18.76 -9.48 7.11
C LEU B 26 -18.33 -8.28 7.95
N SER B 27 -17.16 -8.38 8.58
CA SER B 27 -16.74 -7.37 9.55
C SER B 27 -15.34 -6.87 9.23
N CYS B 28 -15.17 -5.55 9.27
CA CYS B 28 -13.87 -4.94 9.00
C CYS B 28 -12.91 -5.21 10.15
N ALA B 29 -11.71 -5.66 9.82
CA ALA B 29 -10.72 -6.00 10.85
C ALA B 29 -10.16 -4.78 11.55
N ASP B 30 -10.26 -3.59 10.94
CA ASP B 30 -9.67 -2.38 11.50
C ASP B 30 -10.65 -1.54 12.30
N CYS B 31 -11.87 -1.32 11.80
CA CYS B 31 -12.82 -0.46 12.49
C CYS B 31 -13.99 -1.20 13.10
N GLY B 32 -14.17 -2.48 12.79
CA GLY B 32 -15.25 -3.27 13.35
C GLY B 32 -16.58 -3.14 12.65
N SER B 33 -16.74 -2.18 11.74
CA SER B 33 -18.00 -2.03 11.02
C SER B 33 -18.30 -3.30 10.24
N SER B 34 -19.60 -3.61 10.14
CA SER B 34 -20.05 -4.84 9.51
C SER B 34 -21.08 -4.54 8.43
N GLY B 35 -21.26 -5.52 7.56
CA GLY B 35 -22.30 -5.44 6.55
C GLY B 35 -22.72 -6.83 6.13
N HIS B 36 -24.00 -6.97 5.78
CA HIS B 36 -24.43 -8.18 5.10
C HIS B 36 -23.84 -8.19 3.69
N PRO B 37 -23.33 -9.33 3.23
CA PRO B 37 -22.87 -9.41 1.83
C PRO B 37 -23.90 -8.91 0.83
N SER B 38 -25.19 -9.22 1.06
CA SER B 38 -26.24 -8.74 0.16
C SER B 38 -26.35 -7.22 0.18
N CYS B 39 -26.07 -6.58 1.32
CA CYS B 39 -26.05 -5.13 1.38
C CYS B 39 -24.78 -4.55 0.78
N LEU B 40 -23.66 -5.26 0.91
CA LEU B 40 -22.42 -4.86 0.27
C LEU B 40 -22.43 -5.16 -1.22
N LYS B 41 -23.46 -5.85 -1.72
CA LYS B 41 -23.58 -6.23 -3.13
C LYS B 41 -22.45 -7.17 -3.56
N PHE B 42 -21.99 -8.03 -2.67
CA PHE B 42 -20.99 -9.03 -3.01
C PHE B 42 -21.67 -10.27 -3.57
N CYS B 43 -21.06 -10.86 -4.58
CA CYS B 43 -21.54 -12.13 -5.11
C CYS B 43 -21.14 -13.26 -4.15
N PRO B 44 -21.79 -14.43 -4.28
CA PRO B 44 -21.44 -15.54 -3.38
C PRO B 44 -19.96 -15.91 -3.36
N GLU B 45 -19.29 -15.94 -4.52
CA GLU B 45 -17.89 -16.37 -4.55
C GLU B 45 -16.99 -15.34 -3.89
N LEU B 46 -17.20 -14.05 -4.18
CA LEU B 46 -16.46 -13.01 -3.48
C LEU B 46 -16.68 -13.10 -1.97
N THR B 47 -17.92 -13.34 -1.56
CA THR B 47 -18.22 -13.43 -0.13
C THR B 47 -17.45 -14.57 0.53
N THR B 48 -17.43 -15.74 -0.11
CA THR B 48 -16.70 -16.87 0.47
C THR B 48 -15.22 -16.57 0.63
N ASN B 49 -14.62 -15.91 -0.36
CA ASN B 49 -13.20 -15.59 -0.28
C ASN B 49 -12.92 -14.56 0.81
N VAL B 50 -13.76 -13.52 0.91
CA VAL B 50 -13.53 -12.46 1.88
C VAL B 50 -13.66 -12.99 3.30
N LYS B 51 -14.56 -13.95 3.54
CA LYS B 51 -14.72 -14.53 4.87
C LYS B 51 -13.45 -15.23 5.36
N ALA B 52 -12.58 -15.66 4.44
CA ALA B 52 -11.36 -16.36 4.80
C ALA B 52 -10.17 -15.43 4.98
N LEU B 53 -10.36 -14.13 4.83
CA LEU B 53 -9.26 -13.17 4.83
C LEU B 53 -9.48 -12.09 5.89
N ARG B 54 -8.44 -11.29 6.09
CA ARG B 54 -8.51 -10.11 6.96
C ARG B 54 -9.07 -8.97 6.12
N TRP B 55 -10.38 -8.76 6.22
CA TRP B 55 -11.09 -7.84 5.34
C TRP B 55 -11.11 -6.43 5.90
N GLN B 56 -10.96 -5.45 5.01
CA GLN B 56 -11.12 -4.04 5.34
C GLN B 56 -12.33 -3.48 4.63
N CYS B 57 -13.11 -2.66 5.34
CA CYS B 57 -14.23 -1.99 4.70
C CYS B 57 -13.72 -0.94 3.73
N ILE B 58 -14.66 -0.37 2.96
CA ILE B 58 -14.29 0.59 1.92
C ILE B 58 -13.54 1.77 2.50
N GLU B 59 -13.94 2.21 3.70
CA GLU B 59 -13.32 3.41 4.28
C GLU B 59 -11.94 3.11 4.85
N CYS B 60 -11.69 1.89 5.34
CA CYS B 60 -10.40 1.54 5.89
C CYS B 60 -9.44 0.96 4.85
N LYS B 61 -9.95 0.57 3.69
CA LYS B 61 -9.17 -0.15 2.69
C LYS B 61 -7.89 0.61 2.34
N THR B 62 -6.75 -0.05 2.51
CA THR B 62 -5.48 0.43 2.00
C THR B 62 -5.02 -0.47 0.86
N CYS B 63 -4.19 0.09 -0.01
CA CYS B 63 -3.63 -0.69 -1.11
C CYS B 63 -2.83 -1.87 -0.57
N SER B 64 -3.15 -3.07 -1.04
CA SER B 64 -2.44 -4.25 -0.56
C SER B 64 -0.96 -4.27 -0.95
N ALA B 65 -0.58 -3.52 -1.99
CA ALA B 65 0.82 -3.51 -2.40
C ALA B 65 1.63 -2.50 -1.59
N CYS B 66 1.20 -1.23 -1.59
CA CYS B 66 1.97 -0.17 -0.98
C CYS B 66 1.49 0.22 0.42
N ARG B 67 0.34 -0.28 0.86
CA ARG B 67 -0.16 -0.18 2.24
C ARG B 67 -0.57 1.24 2.63
N VAL B 68 -0.91 2.09 1.66
CA VAL B 68 -1.42 3.43 1.95
C VAL B 68 -2.69 3.65 1.16
N GLN B 69 -3.40 4.73 1.51
CA GLN B 69 -4.57 5.17 0.76
C GLN B 69 -4.21 6.24 -0.27
N GLY B 70 -3.70 7.37 0.20
CA GLY B 70 -3.23 8.42 -0.70
C GLY B 70 -4.34 9.35 -1.16
N ARG B 71 -3.92 10.38 -1.90
CA ARG B 71 -4.84 11.42 -2.33
C ARG B 71 -5.90 10.90 -3.31
N ASN B 72 -5.55 9.92 -4.13
CA ASN B 72 -6.48 9.37 -5.11
C ASN B 72 -6.98 7.99 -4.69
N ALA B 73 -7.34 7.85 -3.41
CA ALA B 73 -7.82 6.57 -2.90
C ALA B 73 -9.14 6.16 -3.54
N ASP B 74 -9.92 7.13 -4.02
CA ASP B 74 -11.23 6.82 -4.61
C ASP B 74 -11.12 6.00 -5.88
N ASN B 75 -10.00 6.06 -6.58
CA ASN B 75 -9.80 5.30 -7.82
C ASN B 75 -8.97 4.04 -7.60
N MET B 76 -8.84 3.61 -6.34
CA MET B 76 -8.27 2.30 -6.05
C MET B 76 -9.18 1.21 -6.59
N LEU B 77 -8.59 0.22 -7.25
CA LEU B 77 -9.36 -0.91 -7.78
C LEU B 77 -9.59 -1.93 -6.69
N PHE B 78 -10.77 -2.56 -6.73
CA PHE B 78 -11.09 -3.62 -5.78
C PHE B 78 -11.22 -4.94 -6.53
N CYS B 79 -10.39 -5.91 -6.14
CA CYS B 79 -10.37 -7.20 -6.80
C CYS B 79 -11.74 -7.86 -6.76
N ASP B 80 -12.17 -8.41 -7.90
CA ASP B 80 -13.46 -9.07 -7.97
C ASP B 80 -13.46 -10.46 -7.34
N SER B 81 -12.29 -10.99 -6.97
CA SER B 81 -12.20 -12.29 -6.31
C SER B 81 -12.02 -12.18 -4.80
N CYS B 82 -11.30 -11.17 -4.30
CA CYS B 82 -10.96 -11.10 -2.89
C CYS B 82 -11.20 -9.75 -2.25
N ASP B 83 -11.61 -8.73 -3.01
CA ASP B 83 -11.92 -7.38 -2.56
C ASP B 83 -10.70 -6.61 -2.06
N ARG B 84 -9.49 -7.12 -2.24
CA ARG B 84 -8.32 -6.32 -1.93
C ARG B 84 -8.28 -5.10 -2.83
N GLY B 85 -7.80 -3.99 -2.29
CA GLY B 85 -7.64 -2.75 -3.04
C GLY B 85 -6.23 -2.60 -3.56
N PHE B 86 -6.12 -2.11 -4.80
CA PHE B 86 -4.84 -1.79 -5.41
C PHE B 86 -4.95 -0.47 -6.14
N HIS B 87 -4.03 0.46 -5.88
CA HIS B 87 -3.88 1.61 -6.76
C HIS B 87 -3.52 1.12 -8.16
N MET B 88 -3.94 1.87 -9.17
CA MET B 88 -3.57 1.54 -10.55
C MET B 88 -2.05 1.44 -10.71
N GLU B 89 -1.31 2.37 -10.10
CA GLU B 89 0.13 2.39 -10.24
C GLU B 89 0.82 1.25 -9.50
N CYS B 90 0.11 0.51 -8.66
CA CYS B 90 0.66 -0.60 -7.89
C CYS B 90 0.24 -1.95 -8.45
N CYS B 91 -0.46 -1.97 -9.58
CA CYS B 91 -0.84 -3.24 -10.18
C CYS B 91 0.37 -3.84 -10.90
N ASP B 92 0.19 -5.07 -11.38
CA ASP B 92 1.28 -5.81 -11.97
C ASP B 92 0.93 -6.23 -13.40
N PRO B 93 1.34 -5.44 -14.39
CA PRO B 93 2.09 -4.18 -14.33
C PRO B 93 1.22 -2.99 -13.96
N PRO B 94 1.84 -1.86 -13.61
CA PRO B 94 1.05 -0.66 -13.33
C PRO B 94 0.12 -0.33 -14.49
N LEU B 95 -1.09 0.11 -14.15
CA LEU B 95 -2.14 0.36 -15.12
C LEU B 95 -2.24 1.86 -15.40
N SER B 96 -2.33 2.22 -16.67
CA SER B 96 -2.59 3.59 -17.07
C SER B 96 -4.05 3.82 -17.43
N ARG B 97 -4.84 2.76 -17.55
CA ARG B 97 -6.26 2.82 -17.85
C ARG B 97 -7.05 2.02 -16.84
N MET B 98 -8.23 2.51 -16.51
CA MET B 98 -9.12 1.74 -15.65
C MET B 98 -9.66 0.56 -16.45
N PRO B 99 -9.53 -0.67 -15.94
CA PRO B 99 -10.12 -1.81 -16.65
C PRO B 99 -11.64 -1.72 -16.69
N LYS B 100 -12.22 -2.12 -17.81
CA LYS B 100 -13.66 -2.29 -17.91
C LYS B 100 -14.02 -3.71 -17.48
N GLY B 101 -15.09 -3.82 -16.70
CA GLY B 101 -15.52 -5.14 -16.29
C GLY B 101 -14.57 -5.79 -15.30
N MET B 102 -14.65 -7.12 -15.25
CA MET B 102 -14.01 -7.90 -14.20
C MET B 102 -12.50 -7.67 -14.17
N TRP B 103 -11.95 -7.60 -12.95
CA TRP B 103 -10.53 -7.45 -12.73
C TRP B 103 -10.13 -8.26 -11.51
N ILE B 104 -9.03 -8.99 -11.63
CA ILE B 104 -8.52 -9.87 -10.57
C ILE B 104 -7.09 -9.45 -10.25
N CYS B 105 -6.79 -9.35 -8.94
CA CYS B 105 -5.52 -8.82 -8.49
C CYS B 105 -4.42 -9.87 -8.59
N GLN B 106 -3.19 -9.43 -8.34
CA GLN B 106 -2.03 -10.32 -8.46
C GLN B 106 -2.02 -11.39 -7.38
N VAL B 107 -2.59 -11.11 -6.21
CA VAL B 107 -2.60 -12.11 -5.14
C VAL B 107 -3.44 -13.31 -5.53
N CYS B 108 -4.57 -13.07 -6.20
CA CYS B 108 -5.44 -14.17 -6.61
C CYS B 108 -4.96 -14.90 -7.85
N ARG B 109 -4.07 -14.29 -8.64
CA ARG B 109 -3.64 -14.91 -9.87
C ARG B 109 -2.70 -16.09 -9.59
N PRO B 110 -2.74 -17.14 -10.41
CA PRO B 110 -1.85 -18.28 -10.20
C PRO B 110 -0.37 -17.86 -10.25
N LYS B 111 0.45 -18.61 -9.53
CA LYS B 111 1.88 -18.37 -9.48
C LYS B 111 2.53 -18.50 -10.86
N ASP C 2 12.21 -9.41 -13.63
CA ASP C 2 12.18 -7.96 -13.43
C ASP C 2 13.22 -7.46 -12.42
N PRO C 3 13.35 -8.10 -11.25
CA PRO C 3 14.40 -7.67 -10.32
C PRO C 3 15.77 -8.03 -10.87
N ILE C 4 16.67 -7.06 -10.84
CA ILE C 4 18.03 -7.24 -11.32
C ILE C 4 18.85 -7.84 -10.19
N PRO C 5 19.46 -9.02 -10.37
CA PRO C 5 20.08 -9.73 -9.24
C PRO C 5 21.44 -9.20 -8.85
N ILE C 6 21.68 -7.92 -9.15
CA ILE C 6 22.97 -7.27 -8.91
C ILE C 6 22.72 -5.98 -8.15
N CYS C 7 23.55 -5.72 -7.14
CA CYS C 7 23.47 -4.48 -6.38
C CYS C 7 24.00 -3.30 -7.21
N SER C 8 23.19 -2.25 -7.31
CA SER C 8 23.61 -1.09 -8.11
C SER C 8 24.85 -0.40 -7.57
N PHE C 9 25.17 -0.57 -6.28
CA PHE C 9 26.28 0.17 -5.72
C PHE C 9 27.60 -0.60 -5.75
N CYS C 10 27.58 -1.89 -5.42
CA CYS C 10 28.80 -2.69 -5.37
C CYS C 10 28.84 -3.76 -6.45
N LEU C 11 27.78 -3.92 -7.23
CA LEU C 11 27.68 -4.88 -8.33
C LEU C 11 27.77 -6.32 -7.87
N GLY C 12 27.61 -6.59 -6.58
CA GLY C 12 27.58 -7.94 -6.10
C GLY C 12 26.18 -8.55 -6.18
N THR C 13 26.14 -9.87 -6.20
CA THR C 13 24.88 -10.60 -6.12
C THR C 13 24.49 -10.72 -4.65
N LYS C 14 23.44 -11.48 -4.38
CA LYS C 14 23.07 -11.80 -3.01
C LYS C 14 24.13 -12.64 -2.31
N GLU C 15 25.12 -13.16 -3.04
CA GLU C 15 26.19 -13.96 -2.45
C GLU C 15 27.39 -13.15 -2.01
N SER C 16 27.45 -11.85 -2.34
CA SER C 16 28.69 -11.09 -2.14
C SER C 16 28.36 -9.60 -2.01
N ASN C 17 28.20 -9.12 -0.77
CA ASN C 17 28.04 -7.69 -0.56
C ASN C 17 29.41 -7.04 -0.55
N ARG C 18 29.52 -5.84 0.03
CA ARG C 18 30.81 -5.14 -0.01
C ARG C 18 31.86 -5.85 0.85
N GLU C 19 31.44 -6.60 1.85
CA GLU C 19 32.35 -7.38 2.69
C GLU C 19 32.50 -8.82 2.23
N LYS C 20 32.05 -9.14 1.00
CA LYS C 20 32.12 -10.47 0.42
C LYS C 20 31.34 -11.50 1.23
N LYS C 21 30.27 -11.04 1.87
CA LYS C 21 29.40 -11.92 2.61
C LYS C 21 28.02 -11.95 1.96
N PRO C 22 27.27 -13.03 2.11
CA PRO C 22 25.95 -13.07 1.49
C PRO C 22 24.99 -12.12 2.19
N GLU C 23 24.14 -11.47 1.39
CA GLU C 23 23.15 -10.54 1.90
C GLU C 23 22.08 -10.40 0.83
N GLU C 24 20.81 -10.53 1.22
CA GLU C 24 19.75 -10.47 0.23
C GLU C 24 19.58 -9.06 -0.31
N LEU C 25 19.06 -8.98 -1.53
CA LEU C 25 18.89 -7.71 -2.23
C LEU C 25 17.47 -7.19 -2.04
N LEU C 26 17.35 -5.87 -1.90
CA LEU C 26 16.08 -5.17 -2.03
C LEU C 26 15.97 -4.65 -3.45
N SER C 27 14.79 -4.83 -4.06
CA SER C 27 14.63 -4.52 -5.48
C SER C 27 13.48 -3.55 -5.69
N CYS C 28 13.71 -2.55 -6.55
CA CYS C 28 12.69 -1.56 -6.86
C CYS C 28 11.57 -2.17 -7.69
N ALA C 29 10.33 -1.97 -7.25
CA ALA C 29 9.19 -2.57 -7.92
C ALA C 29 8.92 -1.98 -9.29
N ASP C 30 9.44 -0.78 -9.58
CA ASP C 30 9.17 -0.12 -10.85
C ASP C 30 10.27 -0.29 -11.88
N CYS C 31 11.53 -0.17 -11.49
CA CYS C 31 12.63 -0.28 -12.45
C CYS C 31 13.45 -1.55 -12.29
N GLY C 32 13.28 -2.29 -11.20
CA GLY C 32 14.01 -3.53 -10.99
C GLY C 32 15.38 -3.37 -10.38
N SER C 33 15.91 -2.16 -10.25
CA SER C 33 17.23 -1.97 -9.67
C SER C 33 17.26 -2.45 -8.23
N SER C 34 18.39 -3.03 -7.83
CA SER C 34 18.50 -3.67 -6.53
C SER C 34 19.69 -3.12 -5.76
N GLY C 35 19.65 -3.30 -4.45
CA GLY C 35 20.79 -2.99 -3.61
C GLY C 35 20.78 -3.81 -2.34
N HIS C 36 21.97 -4.12 -1.86
CA HIS C 36 22.10 -4.67 -0.51
C HIS C 36 21.64 -3.62 0.49
N PRO C 37 20.88 -4.00 1.52
CA PRO C 37 20.56 -3.04 2.58
C PRO C 37 21.79 -2.35 3.17
N SER C 38 22.89 -3.08 3.34
CA SER C 38 24.12 -2.47 3.84
C SER C 38 24.65 -1.41 2.88
N CYS C 39 24.51 -1.64 1.57
CA CYS C 39 24.92 -0.63 0.58
C CYS C 39 23.95 0.53 0.54
N LEU C 40 22.67 0.27 0.77
CA LEU C 40 21.66 1.31 0.87
C LEU C 40 21.75 2.07 2.18
N LYS C 41 22.60 1.61 3.11
CA LYS C 41 22.78 2.22 4.42
C LYS C 41 21.50 2.18 5.23
N PHE C 42 20.76 1.08 5.10
CA PHE C 42 19.57 0.84 5.90
C PHE C 42 19.96 0.12 7.19
N CYS C 43 19.30 0.50 8.28
CA CYS C 43 19.38 -0.28 9.50
C CYS C 43 18.45 -1.49 9.41
N PRO C 44 18.63 -2.49 10.27
CA PRO C 44 17.73 -3.67 10.22
C PRO C 44 16.25 -3.32 10.37
N GLU C 45 15.91 -2.39 11.25
CA GLU C 45 14.50 -1.99 11.39
C GLU C 45 13.95 -1.51 10.05
N LEU C 46 14.65 -0.57 9.42
CA LEU C 46 14.22 -0.04 8.13
C LEU C 46 14.14 -1.16 7.10
N THR C 47 15.15 -2.05 7.09
CA THR C 47 15.18 -3.12 6.09
C THR C 47 13.97 -4.03 6.24
N THR C 48 13.60 -4.40 7.47
CA THR C 48 12.46 -5.29 7.66
C THR C 48 11.16 -4.60 7.26
N ASN C 49 11.01 -3.32 7.57
CA ASN C 49 9.78 -2.61 7.21
C ASN C 49 9.68 -2.40 5.71
N VAL C 50 10.79 -2.03 5.07
CA VAL C 50 10.80 -1.95 3.61
C VAL C 50 10.35 -3.27 3.02
N LYS C 51 10.77 -4.37 3.66
CA LYS C 51 10.15 -5.68 3.46
C LYS C 51 8.88 -5.77 4.31
N ALA C 52 8.08 -4.70 4.22
CA ALA C 52 6.65 -4.85 4.43
C ALA C 52 5.82 -4.16 3.36
N LEU C 53 6.40 -3.64 2.27
CA LEU C 53 5.65 -2.86 1.27
C LEU C 53 6.25 -2.96 -0.13
N ARG C 54 5.53 -2.38 -1.09
CA ARG C 54 6.02 -2.15 -2.46
C ARG C 54 7.08 -1.06 -2.42
N TRP C 55 8.34 -1.44 -2.62
CA TRP C 55 9.45 -0.51 -2.45
C TRP C 55 9.87 0.11 -3.78
N GLN C 56 10.21 1.39 -3.74
CA GLN C 56 10.75 2.11 -4.89
C GLN C 56 12.14 2.62 -4.55
N CYS C 57 13.05 2.52 -5.53
CA CYS C 57 14.37 3.11 -5.37
C CYS C 57 14.26 4.63 -5.38
N ILE C 58 15.39 5.28 -5.05
CA ILE C 58 15.41 6.74 -4.94
C ILE C 58 15.03 7.40 -6.25
N GLU C 59 15.35 6.77 -7.39
CA GLU C 59 15.08 7.40 -8.68
C GLU C 59 13.63 7.21 -9.12
N CYS C 60 12.95 6.17 -8.65
CA CYS C 60 11.55 5.94 -8.98
C CYS C 60 10.58 6.46 -7.92
N LYS C 61 11.08 6.85 -6.75
CA LYS C 61 10.22 7.14 -5.61
C LYS C 61 9.19 8.22 -5.94
N THR C 62 7.92 7.90 -5.69
CA THR C 62 6.84 8.86 -5.75
C THR C 62 6.38 9.21 -4.35
N CYS C 63 5.89 10.44 -4.17
CA CYS C 63 5.23 10.82 -2.92
C CYS C 63 4.10 9.88 -2.56
N SER C 64 4.15 9.36 -1.32
CA SER C 64 3.10 8.44 -0.90
C SER C 64 1.76 9.14 -0.71
N ALA C 65 1.74 10.45 -0.54
CA ALA C 65 0.48 11.16 -0.40
C ALA C 65 -0.13 11.51 -1.75
N CYS C 66 0.61 12.26 -2.58
CA CYS C 66 0.07 12.77 -3.83
C CYS C 66 0.38 11.87 -5.03
N ARG C 67 1.17 10.82 -4.85
CA ARG C 67 1.35 9.71 -5.79
C ARG C 67 2.17 10.08 -7.02
N VAL C 68 2.94 11.17 -6.99
CA VAL C 68 3.77 11.56 -8.11
C VAL C 68 5.15 11.93 -7.60
N GLN C 69 6.13 11.96 -8.51
CA GLN C 69 7.49 12.30 -8.14
C GLN C 69 7.63 13.79 -7.90
N GLY C 70 6.83 14.58 -8.59
CA GLY C 70 6.88 16.00 -8.43
C GLY C 70 8.04 16.59 -9.18
N ARG C 71 8.11 17.89 -9.11
CA ARG C 71 9.00 18.57 -10.01
C ARG C 71 10.41 18.68 -9.44
N ASN C 72 10.53 18.95 -8.14
CA ASN C 72 11.82 19.21 -7.50
C ASN C 72 12.29 17.96 -6.76
N ALA C 73 13.56 17.60 -6.97
CA ALA C 73 14.13 16.49 -6.22
C ALA C 73 14.51 16.89 -4.81
N ASP C 74 14.68 18.19 -4.54
CA ASP C 74 15.21 18.64 -3.26
C ASP C 74 14.19 18.61 -2.12
N ASN C 75 12.89 18.60 -2.42
CA ASN C 75 11.87 18.74 -1.38
C ASN C 75 11.24 17.41 -0.98
N MET C 76 11.85 16.29 -1.32
CA MET C 76 11.36 15.00 -0.85
C MET C 76 12.22 14.52 0.32
N LEU C 77 11.56 14.07 1.38
CA LEU C 77 12.24 13.44 2.50
C LEU C 77 11.78 12.00 2.61
N PHE C 78 12.62 11.16 3.22
CA PHE C 78 12.39 9.73 3.29
C PHE C 78 12.22 9.32 4.75
N CYS C 79 11.15 8.57 5.02
CA CYS C 79 10.85 8.16 6.38
C CYS C 79 11.94 7.23 6.92
N ASP C 80 12.38 7.50 8.15
CA ASP C 80 13.42 6.71 8.79
C ASP C 80 12.92 5.36 9.29
N SER C 81 11.63 5.08 9.16
CA SER C 81 11.05 3.80 9.56
C SER C 81 10.70 2.92 8.38
N CYS C 82 10.22 3.49 7.27
CA CYS C 82 9.72 2.71 6.14
C CYS C 82 10.27 3.12 4.79
N ASP C 83 11.09 4.17 4.72
CA ASP C 83 11.72 4.66 3.49
C ASP C 83 10.74 5.25 2.49
N ARG C 84 9.47 5.44 2.86
CA ARG C 84 8.56 6.14 1.97
C ARG C 84 9.00 7.58 1.77
N GLY C 85 8.76 8.10 0.57
CA GLY C 85 9.08 9.48 0.26
C GLY C 85 7.85 10.36 0.36
N PHE C 86 8.05 11.57 0.89
CA PHE C 86 6.99 12.56 0.96
C PHE C 86 7.54 13.92 0.54
N HIS C 87 6.73 14.66 -0.22
CA HIS C 87 6.99 16.08 -0.39
C HIS C 87 6.83 16.78 0.95
N MET C 88 7.62 17.84 1.16
CA MET C 88 7.44 18.65 2.35
C MET C 88 6.00 19.17 2.44
N GLU C 89 5.44 19.57 1.30
CA GLU C 89 4.09 20.13 1.27
C GLU C 89 3.03 19.08 1.54
N CYS C 90 3.36 17.80 1.37
CA CYS C 90 2.40 16.71 1.55
C CYS C 90 2.48 16.06 2.91
N CYS C 91 3.26 16.62 3.83
CA CYS C 91 3.35 16.10 5.17
C CYS C 91 2.20 16.64 6.03
N ASP C 92 2.09 16.12 7.25
CA ASP C 92 0.95 16.46 8.08
C ASP C 92 1.40 16.82 9.49
N PRO C 93 1.51 18.13 9.77
CA PRO C 93 1.24 19.27 8.88
C PRO C 93 2.34 19.47 7.83
N PRO C 94 2.07 20.26 6.79
CA PRO C 94 3.11 20.56 5.80
C PRO C 94 4.34 21.14 6.48
N LEU C 95 5.51 20.77 5.99
CA LEU C 95 6.77 21.21 6.56
C LEU C 95 7.28 22.42 5.79
N SER C 96 7.57 23.50 6.51
CA SER C 96 8.23 24.67 5.94
C SER C 96 9.73 24.47 5.80
N ARG C 97 10.26 23.36 6.31
CA ARG C 97 11.69 23.18 6.51
C ARG C 97 11.99 21.73 6.82
N MET C 98 13.09 21.22 6.28
CA MET C 98 13.48 19.83 6.53
C MET C 98 13.89 19.66 7.99
N PRO C 99 13.34 18.68 8.71
CA PRO C 99 13.78 18.45 10.09
C PRO C 99 15.23 18.00 10.12
N LYS C 100 15.88 18.20 11.28
CA LYS C 100 17.19 17.62 11.50
C LYS C 100 17.02 16.28 12.20
N GLY C 101 17.86 15.32 11.83
CA GLY C 101 17.75 14.06 12.49
C GLY C 101 16.47 13.33 12.11
N MET C 102 16.12 12.38 12.95
CA MET C 102 15.11 11.37 12.63
C MET C 102 13.76 11.99 12.30
N TRP C 103 13.11 11.43 11.29
CA TRP C 103 11.75 11.83 10.92
C TRP C 103 10.96 10.59 10.52
N ILE C 104 9.72 10.51 10.98
CA ILE C 104 8.87 9.36 10.75
C ILE C 104 7.57 9.84 10.12
N CYS C 105 7.14 9.16 9.06
CA CYS C 105 6.04 9.61 8.22
C CYS C 105 4.69 9.32 8.87
N GLN C 106 3.64 9.90 8.28
N GLN C 106 3.64 9.89 8.27
CA GLN C 106 2.31 9.76 8.85
CA GLN C 106 2.30 9.78 8.82
C GLN C 106 1.82 8.31 8.83
C GLN C 106 1.74 8.36 8.76
N VAL C 107 2.21 7.55 7.81
CA VAL C 107 1.74 6.17 7.71
C VAL C 107 2.25 5.35 8.90
N CYS C 108 3.50 5.57 9.29
CA CYS C 108 4.09 4.83 10.41
C CYS C 108 3.59 5.31 11.77
N ARG C 109 3.10 6.54 11.87
CA ARG C 109 2.69 7.05 13.17
C ARG C 109 1.39 6.38 13.61
N PRO C 110 1.24 6.09 14.90
CA PRO C 110 0.06 5.35 15.35
C PRO C 110 -1.21 6.17 15.23
N LYS C 111 -2.32 5.45 15.12
CA LYS C 111 -3.65 6.05 15.03
C LYS C 111 -3.95 6.89 16.26
N ALA D 1 -13.88 -2.52 -13.81
CA ALA D 1 -13.33 -2.73 -12.48
C ALA D 1 -14.14 -1.98 -11.43
N ARG D 2 -14.24 -2.57 -10.25
CA ARG D 2 -14.88 -1.91 -9.13
C ARG D 2 -13.90 -0.94 -8.46
N THR D 3 -14.41 0.21 -8.07
CA THR D 3 -13.63 1.20 -7.34
C THR D 3 -14.42 1.63 -6.11
N LYS D 4 -13.89 2.63 -5.38
CA LYS D 4 -14.63 3.20 -4.27
C LYS D 4 -15.90 3.89 -4.73
N GLN D 5 -15.83 4.60 -5.86
CA GLN D 5 -17.00 5.29 -6.38
C GLN D 5 -18.06 4.29 -6.82
N THR D 6 -17.67 3.26 -7.57
CA THR D 6 -18.65 2.26 -7.99
C THR D 6 -19.22 1.52 -6.79
N ALA D 7 -18.38 1.19 -5.81
CA ALA D 7 -18.86 0.45 -4.64
C ALA D 7 -19.84 1.27 -3.83
N ARG D 8 -19.61 2.59 -3.74
CA ARG D 8 -20.54 3.43 -2.99
C ARG D 8 -21.88 3.58 -3.71
N LYS D 9 -21.88 3.56 -5.04
CA LYS D 9 -23.14 3.68 -5.77
C LYS D 9 -23.93 2.37 -5.73
N SER D 10 -23.25 1.25 -5.54
CA SER D 10 -23.92 -0.04 -5.50
C SER D 10 -24.58 -0.28 -4.14
N THR D 11 -23.90 0.06 -3.06
CA THR D 11 -24.45 -0.15 -1.72
C THR D 11 -25.41 0.95 -1.29
N GLY D 12 -25.29 2.13 -1.86
CA GLY D 12 -25.98 3.29 -1.32
C GLY D 12 -25.34 3.72 -0.02
N GLY D 13 -25.88 4.79 0.55
CA GLY D 13 -25.34 5.34 1.78
C GLY D 13 -25.48 4.41 2.97
N ALA D 15 -26.53 3.72 6.82
CA ALA D 15 -27.70 4.17 7.57
C ALA D 15 -27.32 5.24 8.58
N PRO D 16 -28.06 6.36 8.58
CA PRO D 16 -27.85 7.41 9.58
C PRO D 16 -28.58 7.10 10.89
#